data_6OJP
#
_entry.id   6OJP
#
_cell.length_a   41.891
_cell.length_b   105.666
_cell.length_c   106.672
_cell.angle_alpha   90.000
_cell.angle_beta   90.000
_cell.angle_gamma   90.000
#
_symmetry.space_group_name_H-M   'P 21 21 21'
#
loop_
_entity.id
_entity.type
_entity.pdbx_description
1 polymer 'Antigen-presenting glycoprotein CD1d1'
2 polymer Beta-2-microglobulin
3 branched alpha-D-mannopyranose-(1-3)-[alpha-D-mannopyranose-(1-6)]beta-D-mannopyranose-(1-4)-2-acetamido-2-deoxy-beta-D-glucopyranose-(1-4)-[alpha-L-fucopyranose-(1-6)]2-acetamido-2-deoxy-beta-D-glucopyranose
4 branched alpha-D-mannopyranose-(1-3)-[alpha-D-mannopyranose-(1-6)]beta-D-mannopyranose-(1-4)-2-acetamido-2-deoxy-beta-D-glucopyranose-(1-4)-2-acetamido-2-deoxy-beta-D-glucopyranose
5 non-polymer 2-acetamido-2-deoxy-beta-D-glucopyranose
6 non-polymer (5R,6S,7S)-5,6-dihydroxy-7-(octanoylamino)-N-(6-phenylhexyl)-8-{[(2S,3R,4S,5R,6R)-3,4,5-trihydroxy-6-(hydroxymethyl)tetrahydro-2H-pyran-2-yl]oxy}octanamide
7 non-polymer 'PALMITIC ACID'
8 non-polymer GLYCEROL
9 non-polymer 'SULFATE ION'
10 water water
#
loop_
_entity_poly.entity_id
_entity_poly.type
_entity_poly.pdbx_seq_one_letter_code
_entity_poly.pdbx_strand_id
1 'polypeptide(L)'
;SEAQQKNYTFRCLQMSSFANRSWSRTDSVVWLGDLQTHRWSNDSATISFTKPWSQGKLSNQQWEKLQHMFQVHRVSFTRD
IQELVKMMSPKEDYPIEIQLSAGCEMYPGNASESFLHVAFQGKYVVRFWGTSWQTVPGAPSWLDLPIKVLNADQGTSATV
QMLLNDTCPLFVRGLLEAGKSDLEKQEKPVAWLSSVPSSAHGHRQLVCHVSGFYPKPVWVMWMRGDQEQQGTHRGDFLPN
ADETWYLQATLDVEAGEEAGLACRVKHSSLGGQDIILYWHHHHHH
;
A
2 'polypeptide(L)'
;IQKTPQIQVYSRHPPENGKPNILNCYVTQFHPPHIEIQMLKNGKKIPKVEMSDMSFSKDWSFYILAHTEFTPTETDTYAC
RVKHASMAEPKTVYWDRDM
;
B
#
# COMPACT_ATOMS: atom_id res chain seq x y z
N LYS A 6 7.05 -0.89 -18.24
CA LYS A 6 6.64 -0.27 -19.53
C LYS A 6 5.50 0.73 -19.31
N ASN A 7 5.07 0.95 -18.06
CA ASN A 7 3.99 1.92 -17.70
C ASN A 7 4.08 2.24 -16.20
N TYR A 8 5.03 3.08 -15.81
CA TYR A 8 5.24 3.49 -14.40
C TYR A 8 4.23 4.57 -14.02
N THR A 9 3.43 4.29 -12.98
CA THR A 9 2.52 5.26 -12.32
C THR A 9 3.29 5.96 -11.19
N PHE A 10 3.43 7.28 -11.28
CA PHE A 10 4.02 8.15 -10.22
C PHE A 10 2.88 8.80 -9.45
N ARG A 11 2.80 8.56 -8.13
CA ARG A 11 1.72 9.07 -7.24
C ARG A 11 2.33 9.82 -6.05
N CYS A 12 1.98 11.09 -5.87
CA CYS A 12 2.18 11.86 -4.62
C CYS A 12 0.87 11.88 -3.84
N LEU A 13 0.83 11.22 -2.68
CA LEU A 13 -0.37 11.11 -1.82
C LEU A 13 -0.23 12.07 -0.63
N GLN A 14 -1.19 12.97 -0.44
CA GLN A 14 -1.31 13.86 0.73
C GLN A 14 -2.51 13.41 1.57
N MET A 15 -2.31 13.28 2.88
CA MET A 15 -3.36 12.92 3.88
C MET A 15 -3.43 14.03 4.92
N SER A 16 -4.52 14.79 4.95
CA SER A 16 -4.74 15.92 5.88
C SER A 16 -5.95 15.63 6.77
N SER A 17 -5.75 15.70 8.09
CA SER A 17 -6.81 15.53 9.12
C SER A 17 -6.97 16.86 9.87
N PHE A 18 -8.22 17.35 9.97
CA PHE A 18 -8.61 18.54 10.77
C PHE A 18 -9.61 18.07 11.84
N ALA A 19 -9.19 18.05 13.11
CA ALA A 19 -9.97 17.59 14.27
C ALA A 19 -10.83 18.75 14.80
N ASN A 20 -10.34 19.98 14.67
CA ASN A 20 -11.03 21.22 15.13
C ASN A 20 -10.27 22.44 14.60
N ARG A 21 -10.66 23.65 15.01
CA ARG A 21 -10.07 24.94 14.59
C ARG A 21 -8.58 24.98 14.93
N SER A 22 -8.17 24.35 16.05
CA SER A 22 -6.80 24.41 16.62
C SER A 22 -6.16 23.01 16.70
N TRP A 23 -6.30 22.20 15.64
CA TRP A 23 -5.59 20.91 15.47
C TRP A 23 -5.72 20.41 14.03
N SER A 24 -4.59 20.27 13.33
CA SER A 24 -4.49 19.64 11.98
C SER A 24 -3.09 19.08 11.79
N ARG A 25 -2.97 18.00 11.01
CA ARG A 25 -1.67 17.49 10.51
C ARG A 25 -1.83 17.06 9.05
N THR A 26 -0.74 17.21 8.28
CA THR A 26 -0.62 16.76 6.87
C THR A 26 0.61 15.87 6.76
N ASP A 27 0.45 14.65 6.26
CA ASP A 27 1.54 13.69 5.96
C ASP A 27 1.43 13.26 4.50
N SER A 28 2.57 13.06 3.84
CA SER A 28 2.67 12.74 2.39
C SER A 28 3.56 11.51 2.19
N VAL A 29 3.22 10.69 1.19
CA VAL A 29 4.09 9.60 0.67
C VAL A 29 4.11 9.72 -0.85
N VAL A 30 5.20 9.29 -1.49
CA VAL A 30 5.35 9.27 -2.97
C VAL A 30 5.75 7.86 -3.39
N TRP A 31 5.10 7.34 -4.42
CA TRP A 31 5.32 6.00 -5.01
C TRP A 31 5.71 6.17 -6.48
N LEU A 32 6.74 5.45 -6.93
CA LEU A 32 7.01 5.15 -8.35
C LEU A 32 6.74 3.66 -8.57
N GLY A 33 5.59 3.33 -9.17
CA GLY A 33 5.04 1.96 -9.19
C GLY A 33 4.70 1.52 -7.78
N ASP A 34 5.36 0.47 -7.29
CA ASP A 34 5.12 -0.11 -5.94
C ASP A 34 6.31 0.16 -5.00
N LEU A 35 7.21 1.08 -5.38
CA LEU A 35 8.39 1.48 -4.55
C LEU A 35 8.20 2.90 -4.01
N GLN A 36 8.22 3.07 -2.69
CA GLN A 36 8.14 4.40 -2.01
C GLN A 36 9.45 5.15 -2.29
N THR A 37 9.35 6.37 -2.81
CA THR A 37 10.51 7.23 -3.17
C THR A 37 10.66 8.36 -2.15
N HIS A 38 9.56 8.83 -1.55
CA HIS A 38 9.57 9.97 -0.59
C HIS A 38 8.59 9.75 0.55
N ARG A 39 8.90 10.38 1.68
CA ARG A 39 8.03 10.50 2.88
C ARG A 39 8.09 11.98 3.30
N TRP A 40 6.97 12.54 3.78
CA TRP A 40 6.96 13.92 4.34
C TRP A 40 5.95 14.00 5.49
N SER A 41 6.42 13.66 6.68
CA SER A 41 5.70 13.75 7.97
C SER A 41 5.33 15.21 8.26
N ASN A 42 4.25 15.42 9.02
CA ASN A 42 3.85 16.74 9.57
C ASN A 42 4.96 17.28 10.48
N ASP A 43 5.68 16.38 11.16
CA ASP A 43 6.78 16.69 12.12
C ASP A 43 7.96 17.37 11.39
N SER A 44 8.22 17.00 10.14
CA SER A 44 9.45 17.37 9.37
C SER A 44 9.19 18.59 8.49
N ALA A 45 10.15 19.53 8.46
CA ALA A 45 10.12 20.74 7.61
C ALA A 45 10.44 20.35 6.16
N THR A 46 11.34 19.38 5.95
CA THR A 46 11.86 18.97 4.62
C THR A 46 11.27 17.62 4.21
N ILE A 47 11.25 17.35 2.90
CA ILE A 47 10.84 16.06 2.28
C ILE A 47 12.00 15.06 2.48
N SER A 48 11.70 13.86 2.99
CA SER A 48 12.69 12.78 3.23
C SER A 48 12.74 11.86 2.00
N PHE A 49 13.96 11.49 1.59
CA PHE A 49 14.22 10.45 0.57
C PHE A 49 14.15 9.07 1.23
N THR A 50 13.47 8.13 0.58
CA THR A 50 13.41 6.69 0.98
C THR A 50 14.17 5.85 -0.05
N LYS A 51 14.85 6.50 -1.00
CA LYS A 51 15.77 5.84 -1.97
C LYS A 51 17.01 6.72 -2.15
N PRO A 52 18.16 6.15 -2.57
CA PRO A 52 19.33 6.96 -2.91
C PRO A 52 19.07 7.87 -4.11
N TRP A 53 18.14 7.49 -4.99
CA TRP A 53 17.87 8.12 -6.31
C TRP A 53 16.59 8.97 -6.27
N SER A 54 16.10 9.31 -5.07
CA SER A 54 14.81 10.00 -4.84
C SER A 54 14.84 11.45 -5.37
N GLN A 55 16.02 12.02 -5.62
CA GLN A 55 16.17 13.38 -6.21
C GLN A 55 16.09 13.30 -7.73
N GLY A 56 16.14 12.10 -8.31
CA GLY A 56 16.12 11.89 -9.76
C GLY A 56 17.37 12.48 -10.40
N LYS A 57 17.20 13.28 -11.47
CA LYS A 57 18.31 13.99 -12.16
C LYS A 57 18.16 15.50 -11.93
N LEU A 58 17.53 15.89 -10.82
CA LEU A 58 17.42 17.32 -10.41
C LEU A 58 18.69 17.68 -9.61
N SER A 59 19.35 18.78 -10.00
CA SER A 59 20.37 19.47 -9.19
C SER A 59 19.76 19.85 -7.84
N ASN A 60 20.60 20.11 -6.84
CA ASN A 60 20.16 20.56 -5.49
C ASN A 60 19.28 21.81 -5.64
N GLN A 61 19.74 22.78 -6.44
CA GLN A 61 19.03 24.07 -6.67
C GLN A 61 17.60 23.80 -7.14
N GLN A 62 17.43 22.94 -8.15
CA GLN A 62 16.10 22.58 -8.73
C GLN A 62 15.23 21.93 -7.66
N TRP A 63 15.81 21.04 -6.85
CA TRP A 63 15.09 20.32 -5.77
C TRP A 63 14.69 21.28 -4.65
N GLU A 64 15.60 22.16 -4.21
CA GLU A 64 15.34 23.16 -3.14
C GLU A 64 14.17 24.07 -3.56
N LYS A 65 14.15 24.51 -4.82
CA LYS A 65 13.07 25.34 -5.41
C LYS A 65 11.74 24.59 -5.31
N LEU A 66 11.72 23.36 -5.82
CA LEU A 66 10.53 22.47 -5.87
C LEU A 66 10.04 22.23 -4.43
N GLN A 67 10.96 21.88 -3.52
CA GLN A 67 10.66 21.61 -2.09
C GLN A 67 10.01 22.85 -1.48
N HIS A 68 10.60 24.03 -1.70
CA HIS A 68 10.11 25.31 -1.13
C HIS A 68 8.66 25.55 -1.57
N MET A 69 8.38 25.33 -2.85
CA MET A 69 7.02 25.47 -3.45
C MET A 69 6.04 24.56 -2.71
N PHE A 70 6.47 23.34 -2.35
CA PHE A 70 5.63 22.35 -1.62
C PHE A 70 5.44 22.79 -0.16
N GLN A 71 6.47 23.36 0.47
CA GLN A 71 6.41 23.90 1.86
C GLN A 71 5.39 25.05 1.90
N VAL A 72 5.39 25.91 0.88
CA VAL A 72 4.41 27.03 0.74
C VAL A 72 3.01 26.42 0.57
N HIS A 73 2.87 25.45 -0.33
CA HIS A 73 1.57 24.77 -0.63
C HIS A 73 1.00 24.14 0.64
N ARG A 74 1.82 23.43 1.41
CA ARG A 74 1.41 22.73 2.66
C ARG A 74 0.77 23.71 3.63
N VAL A 75 1.41 24.87 3.86
CA VAL A 75 0.97 25.88 4.87
C VAL A 75 -0.26 26.64 4.34
N SER A 76 -0.26 27.00 3.05
CA SER A 76 -1.39 27.71 2.38
C SER A 76 -2.64 26.83 2.43
N PHE A 77 -2.48 25.54 2.11
CA PHE A 77 -3.57 24.52 2.10
C PHE A 77 -4.23 24.44 3.49
N THR A 78 -3.42 24.27 4.54
CA THR A 78 -3.89 24.16 5.95
C THR A 78 -4.71 25.41 6.31
N ARG A 79 -4.23 26.60 5.94
CA ARG A 79 -4.88 27.90 6.25
C ARG A 79 -6.15 28.07 5.42
N ASP A 80 -6.10 27.78 4.12
CA ASP A 80 -7.23 27.93 3.16
C ASP A 80 -8.39 27.01 3.56
N ILE A 81 -8.09 25.80 4.05
CA ILE A 81 -9.13 24.79 4.46
C ILE A 81 -9.84 25.29 5.71
N GLN A 82 -9.09 25.75 6.72
CA GLN A 82 -9.66 26.25 8.01
C GLN A 82 -10.34 27.61 7.80
N GLU A 83 -9.95 28.36 6.76
CA GLU A 83 -10.63 29.62 6.32
C GLU A 83 -12.05 29.29 5.88
N LEU A 84 -12.19 28.37 4.91
CA LEU A 84 -13.48 27.93 4.34
C LEU A 84 -14.33 27.26 5.43
N VAL A 85 -13.80 26.19 6.04
CA VAL A 85 -14.45 25.43 7.16
C VAL A 85 -14.94 26.43 8.21
N ASP A 93 -18.49 21.01 10.23
CA ASP A 93 -18.76 19.73 10.96
C ASP A 93 -17.47 18.90 10.99
N TYR A 94 -16.65 19.07 12.04
CA TYR A 94 -15.40 18.30 12.29
C TYR A 94 -15.76 16.88 12.75
N PRO A 95 -14.87 15.88 12.62
CA PRO A 95 -13.55 16.05 12.01
C PRO A 95 -13.62 16.03 10.47
N ILE A 96 -12.55 16.48 9.80
CA ILE A 96 -12.48 16.61 8.32
C ILE A 96 -11.24 15.86 7.81
N GLU A 97 -11.43 14.95 6.87
CA GLU A 97 -10.37 14.18 6.16
C GLU A 97 -10.32 14.63 4.71
N ILE A 98 -9.18 15.16 4.27
CA ILE A 98 -8.91 15.52 2.84
C ILE A 98 -7.71 14.71 2.36
N GLN A 99 -7.85 14.08 1.19
CA GLN A 99 -6.77 13.32 0.51
C GLN A 99 -6.54 13.96 -0.86
N LEU A 100 -5.27 14.09 -1.25
CA LEU A 100 -4.83 14.53 -2.59
C LEU A 100 -3.98 13.42 -3.21
N SER A 101 -4.28 13.07 -4.46
CA SER A 101 -3.49 12.13 -5.29
C SER A 101 -3.13 12.84 -6.58
N ALA A 102 -1.85 13.20 -6.74
CA ALA A 102 -1.30 13.95 -7.87
C ALA A 102 -0.08 13.20 -8.43
N GLY A 103 0.02 13.13 -9.76
CA GLY A 103 1.20 12.56 -10.42
C GLY A 103 0.97 12.37 -11.91
N CYS A 104 1.66 11.40 -12.50
CA CYS A 104 1.58 11.08 -13.95
C CYS A 104 1.81 9.59 -14.17
N GLU A 105 1.18 9.03 -15.21
CA GLU A 105 1.45 7.69 -15.77
C GLU A 105 2.39 7.85 -16.96
N MET A 106 3.55 7.19 -16.93
CA MET A 106 4.53 7.19 -18.04
C MET A 106 4.23 5.99 -18.94
N TYR A 107 4.13 6.21 -20.26
CA TYR A 107 3.87 5.17 -21.29
C TYR A 107 5.07 5.10 -22.23
N PRO A 108 5.17 4.06 -23.10
CA PRO A 108 6.27 3.96 -24.05
C PRO A 108 6.21 5.06 -25.13
N GLY A 109 7.35 5.33 -25.79
CA GLY A 109 7.49 6.36 -26.83
C GLY A 109 7.36 7.77 -26.26
N ASN A 110 7.96 8.00 -25.09
CA ASN A 110 8.05 9.31 -24.40
C ASN A 110 6.65 9.95 -24.27
N ALA A 111 5.65 9.14 -23.90
CA ALA A 111 4.24 9.57 -23.70
C ALA A 111 3.87 9.47 -22.21
N SER A 112 2.95 10.32 -21.74
CA SER A 112 2.48 10.33 -20.33
C SER A 112 1.10 11.00 -20.21
N GLU A 113 0.41 10.75 -19.09
CA GLU A 113 -0.87 11.39 -18.71
C GLU A 113 -0.82 11.76 -17.22
N SER A 114 -1.08 13.01 -16.89
CA SER A 114 -1.00 13.58 -15.53
C SER A 114 -2.42 13.66 -14.92
N PHE A 115 -2.50 13.64 -13.59
CA PHE A 115 -3.76 13.67 -12.81
C PHE A 115 -3.54 14.44 -11.52
N LEU A 116 -4.63 14.98 -10.97
CA LEU A 116 -4.70 15.60 -9.61
C LEU A 116 -6.13 15.42 -9.10
N HIS A 117 -6.33 14.45 -8.20
CA HIS A 117 -7.65 14.07 -7.63
C HIS A 117 -7.68 14.45 -6.15
N VAL A 118 -8.82 14.96 -5.68
CA VAL A 118 -9.04 15.38 -4.27
C VAL A 118 -10.27 14.64 -3.74
N ALA A 119 -10.15 14.08 -2.53
CA ALA A 119 -11.25 13.40 -1.82
C ALA A 119 -11.54 14.16 -0.52
N PHE A 120 -12.80 14.25 -0.16
CA PHE A 120 -13.31 14.80 1.12
C PHE A 120 -14.09 13.69 1.82
N GLN A 121 -13.70 13.35 3.06
CA GLN A 121 -14.31 12.24 3.85
C GLN A 121 -14.31 10.94 3.04
N GLY A 122 -13.22 10.68 2.31
CA GLY A 122 -12.99 9.41 1.57
C GLY A 122 -13.80 9.33 0.28
N LYS A 123 -14.43 10.44 -0.13
CA LYS A 123 -15.21 10.53 -1.40
C LYS A 123 -14.50 11.51 -2.34
N TYR A 124 -14.21 11.04 -3.57
CA TYR A 124 -13.71 11.84 -4.72
C TYR A 124 -14.69 12.99 -5.00
N VAL A 125 -14.23 14.25 -4.88
CA VAL A 125 -15.10 15.46 -4.98
C VAL A 125 -14.54 16.46 -6.00
N VAL A 126 -13.22 16.61 -6.11
CA VAL A 126 -12.56 17.66 -6.93
C VAL A 126 -11.39 17.04 -7.70
N ARG A 127 -11.17 17.51 -8.93
CA ARG A 127 -9.92 17.28 -9.70
C ARG A 127 -9.45 18.60 -10.30
N PHE A 128 -8.21 18.63 -10.77
CA PHE A 128 -7.69 19.69 -11.69
C PHE A 128 -7.62 19.08 -13.09
N TRP A 129 -8.34 19.69 -14.01
CA TRP A 129 -8.41 19.13 -15.38
C TRP A 129 -8.20 20.26 -16.38
N GLY A 130 -7.30 20.06 -17.34
CA GLY A 130 -7.06 21.12 -18.33
C GLY A 130 -6.35 22.32 -17.73
N THR A 131 -7.11 23.35 -17.38
CA THR A 131 -6.59 24.65 -16.90
C THR A 131 -7.26 25.09 -15.59
N SER A 132 -8.19 24.31 -15.03
CA SER A 132 -9.01 24.75 -13.87
C SER A 132 -9.36 23.59 -12.93
N TRP A 133 -9.58 23.93 -11.65
CA TRP A 133 -10.23 23.06 -10.63
C TRP A 133 -11.70 22.88 -10.99
N GLN A 134 -12.24 21.67 -10.86
CA GLN A 134 -13.67 21.39 -11.08
C GLN A 134 -14.15 20.36 -10.04
N THR A 135 -15.33 20.59 -9.49
CA THR A 135 -16.07 19.60 -8.66
C THR A 135 -16.54 18.48 -9.58
N VAL A 136 -16.54 17.23 -9.10
CA VAL A 136 -17.02 16.07 -9.88
C VAL A 136 -18.54 16.01 -9.74
N PRO A 137 -19.27 15.38 -10.69
CA PRO A 137 -20.71 15.23 -10.56
C PRO A 137 -21.05 14.49 -9.26
N GLY A 138 -21.96 15.05 -8.47
CA GLY A 138 -22.41 14.44 -7.19
C GLY A 138 -21.70 15.01 -5.98
N ALA A 139 -20.66 15.84 -6.17
CA ALA A 139 -19.94 16.53 -5.08
C ALA A 139 -20.89 17.49 -4.38
N PRO A 140 -20.74 17.70 -3.06
CA PRO A 140 -21.57 18.66 -2.32
C PRO A 140 -21.60 20.04 -3.01
N SER A 141 -22.79 20.62 -3.14
CA SER A 141 -23.04 21.90 -3.85
C SER A 141 -22.26 23.05 -3.19
N TRP A 142 -21.95 22.94 -1.90
CA TRP A 142 -21.26 24.00 -1.11
C TRP A 142 -19.79 24.14 -1.57
N LEU A 143 -19.26 23.18 -2.32
CA LEU A 143 -17.88 23.22 -2.88
C LEU A 143 -17.79 24.20 -4.06
N ASP A 144 -18.89 24.44 -4.77
CA ASP A 144 -18.91 25.19 -6.06
C ASP A 144 -18.26 26.57 -5.89
N LEU A 145 -18.60 27.30 -4.82
CA LEU A 145 -18.11 28.69 -4.58
C LEU A 145 -16.62 28.67 -4.23
N PRO A 146 -16.17 27.92 -3.19
CA PRO A 146 -14.75 27.74 -2.92
C PRO A 146 -13.89 27.45 -4.16
N ILE A 147 -14.37 26.58 -5.04
CA ILE A 147 -13.67 26.15 -6.29
C ILE A 147 -13.61 27.34 -7.26
N LYS A 148 -14.63 28.20 -7.27
CA LYS A 148 -14.66 29.44 -8.09
C LYS A 148 -13.66 30.45 -7.53
N VAL A 149 -13.56 30.56 -6.20
CA VAL A 149 -12.54 31.40 -5.50
C VAL A 149 -11.16 30.89 -5.92
N LEU A 150 -10.88 29.61 -5.67
CA LEU A 150 -9.60 28.93 -6.00
C LEU A 150 -9.25 29.15 -7.49
N ASN A 151 -10.26 29.09 -8.38
CA ASN A 151 -10.07 29.23 -9.85
C ASN A 151 -9.79 30.69 -10.24
N ALA A 152 -10.01 31.64 -9.34
CA ALA A 152 -9.69 33.09 -9.55
C ALA A 152 -8.18 33.30 -9.40
N ASP A 153 -7.50 32.44 -8.65
CA ASP A 153 -6.02 32.48 -8.47
C ASP A 153 -5.35 31.87 -9.72
N GLN A 154 -4.97 32.71 -10.68
CA GLN A 154 -4.35 32.29 -11.97
C GLN A 154 -2.94 31.77 -11.73
N GLY A 155 -2.20 32.37 -10.78
CA GLY A 155 -0.84 31.94 -10.39
C GLY A 155 -0.82 30.47 -9.99
N THR A 156 -1.70 30.07 -9.08
CA THR A 156 -1.88 28.67 -8.61
C THR A 156 -2.20 27.76 -9.80
N SER A 157 -3.14 28.18 -10.66
N SER A 157 -3.12 28.18 -10.67
CA SER A 157 -3.58 27.44 -11.87
CA SER A 157 -3.58 27.43 -11.86
C SER A 157 -2.40 27.22 -12.81
C SER A 157 -2.40 27.22 -12.83
N ALA A 158 -1.65 28.29 -13.12
CA ALA A 158 -0.47 28.24 -14.03
C ALA A 158 0.61 27.32 -13.43
N THR A 159 0.77 27.35 -12.11
CA THR A 159 1.77 26.52 -11.36
C THR A 159 1.38 25.05 -11.45
N VAL A 160 0.10 24.71 -11.23
CA VAL A 160 -0.42 23.32 -11.29
C VAL A 160 -0.24 22.79 -12.72
N GLN A 161 -0.60 23.58 -13.73
CA GLN A 161 -0.45 23.23 -15.17
C GLN A 161 1.02 22.93 -15.48
N MET A 162 1.95 23.72 -14.95
CA MET A 162 3.41 23.51 -15.13
C MET A 162 3.79 22.16 -14.51
N LEU A 163 3.39 21.92 -13.26
CA LEU A 163 3.75 20.71 -12.48
C LEU A 163 3.21 19.46 -13.19
N LEU A 164 1.95 19.49 -13.65
CA LEU A 164 1.28 18.32 -14.29
C LEU A 164 1.83 18.09 -15.71
N ASN A 165 1.97 19.15 -16.52
CA ASN A 165 2.33 19.04 -17.96
C ASN A 165 3.85 18.90 -18.15
N ASP A 166 4.66 19.53 -17.28
CA ASP A 166 6.14 19.66 -17.44
C ASP A 166 6.89 18.88 -16.35
N THR A 167 6.79 19.34 -15.10
CA THR A 167 7.65 18.90 -13.97
C THR A 167 7.45 17.40 -13.72
N CYS A 168 6.21 16.91 -13.66
CA CYS A 168 5.88 15.49 -13.36
C CYS A 168 6.61 14.60 -14.35
N PRO A 169 6.29 14.62 -15.66
CA PRO A 169 6.93 13.72 -16.63
C PRO A 169 8.46 13.86 -16.65
N LEU A 170 8.98 15.10 -16.61
CA LEU A 170 10.43 15.43 -16.58
C LEU A 170 11.10 14.74 -15.39
N PHE A 171 10.53 14.92 -14.21
CA PHE A 171 11.09 14.40 -12.92
C PHE A 171 11.14 12.88 -12.97
N VAL A 172 10.05 12.24 -13.43
CA VAL A 172 9.87 10.76 -13.39
C VAL A 172 10.84 10.10 -14.39
N ARG A 173 11.11 10.72 -15.55
CA ARG A 173 12.17 10.26 -16.50
C ARG A 173 13.50 10.17 -15.75
N GLY A 174 13.82 11.19 -14.97
CA GLY A 174 15.03 11.26 -14.12
C GLY A 174 15.07 10.17 -13.06
N LEU A 175 13.93 9.87 -12.41
CA LEU A 175 13.80 8.77 -11.42
C LEU A 175 14.05 7.43 -12.12
N LEU A 176 13.49 7.24 -13.32
CA LEU A 176 13.56 5.96 -14.07
C LEU A 176 15.01 5.67 -14.49
N GLU A 177 15.80 6.71 -14.76
CA GLU A 177 17.25 6.58 -15.09
C GLU A 177 18.03 6.34 -13.80
N ALA A 178 17.81 7.16 -12.78
CA ALA A 178 18.58 7.18 -11.51
C ALA A 178 18.34 5.89 -10.70
N GLY A 179 17.16 5.28 -10.82
CA GLY A 179 16.71 4.14 -9.98
C GLY A 179 16.60 2.85 -10.75
N LYS A 180 17.33 2.72 -11.87
CA LYS A 180 17.21 1.60 -12.85
C LYS A 180 17.36 0.26 -12.14
N SER A 181 18.44 0.08 -11.35
CA SER A 181 18.81 -1.23 -10.74
C SER A 181 17.75 -1.67 -9.72
N ASP A 182 17.20 -0.73 -8.95
CA ASP A 182 16.07 -0.98 -8.00
C ASP A 182 14.81 -1.37 -8.78
N LEU A 183 14.45 -0.59 -9.79
CA LEU A 183 13.19 -0.76 -10.57
C LEU A 183 13.26 -2.08 -11.34
N GLU A 184 14.46 -2.46 -11.83
CA GLU A 184 14.69 -3.70 -12.62
C GLU A 184 15.08 -4.86 -11.71
N LYS A 185 15.14 -4.67 -10.39
CA LYS A 185 15.61 -5.72 -9.43
C LYS A 185 14.71 -6.95 -9.58
N GLN A 186 15.30 -8.14 -9.40
CA GLN A 186 14.60 -9.45 -9.46
C GLN A 186 14.85 -10.19 -8.13
N GLU A 187 13.80 -10.42 -7.34
CA GLU A 187 13.88 -11.15 -6.05
C GLU A 187 13.09 -12.46 -6.17
N LYS A 188 13.75 -13.58 -5.89
CA LYS A 188 13.15 -14.94 -5.97
C LYS A 188 12.30 -15.20 -4.73
N PRO A 189 11.09 -15.75 -4.89
CA PRO A 189 10.26 -16.09 -3.73
C PRO A 189 10.74 -17.38 -3.07
N VAL A 190 10.44 -17.53 -1.78
CA VAL A 190 10.42 -18.83 -1.06
C VAL A 190 8.94 -19.24 -0.97
N ALA A 191 8.65 -20.53 -1.15
CA ALA A 191 7.29 -21.10 -1.05
C ALA A 191 7.25 -22.13 0.09
N TRP A 192 6.10 -22.28 0.73
CA TRP A 192 5.80 -23.41 1.66
C TRP A 192 4.30 -23.70 1.67
N LEU A 193 3.95 -24.94 2.02
CA LEU A 193 2.55 -25.44 2.05
C LEU A 193 2.09 -25.55 3.49
N SER A 194 0.82 -25.26 3.74
CA SER A 194 0.13 -25.53 5.03
C SER A 194 -1.37 -25.71 4.76
N SER A 195 -2.12 -26.10 5.79
CA SER A 195 -3.60 -26.22 5.75
C SER A 195 -4.21 -25.35 6.84
N VAL A 196 -5.42 -24.84 6.61
CA VAL A 196 -6.22 -24.07 7.60
C VAL A 196 -7.64 -24.66 7.58
N PRO A 197 -8.51 -24.31 8.55
CA PRO A 197 -9.89 -24.81 8.55
C PRO A 197 -10.65 -24.37 7.29
N SER A 198 -11.38 -25.29 6.66
CA SER A 198 -12.36 -25.00 5.57
C SER A 198 -13.70 -24.63 6.19
N SER A 199 -14.50 -23.82 5.48
CA SER A 199 -15.89 -23.46 5.84
C SER A 199 -16.83 -24.62 5.47
N ALA A 200 -16.38 -25.55 4.63
CA ALA A 200 -17.08 -26.80 4.24
C ALA A 200 -16.64 -27.93 5.17
N HIS A 201 -17.54 -28.87 5.47
CA HIS A 201 -17.45 -29.83 6.62
C HIS A 201 -16.40 -30.91 6.34
N GLY A 202 -16.48 -31.60 5.21
CA GLY A 202 -15.59 -32.74 4.89
C GLY A 202 -14.21 -32.31 4.40
N HIS A 203 -13.96 -30.99 4.35
CA HIS A 203 -12.83 -30.38 3.60
C HIS A 203 -11.83 -29.74 4.56
N ARG A 204 -10.61 -29.48 4.06
CA ARG A 204 -9.62 -28.55 4.67
C ARG A 204 -9.02 -27.70 3.55
N GLN A 205 -8.67 -26.45 3.86
CA GLN A 205 -8.11 -25.48 2.89
C GLN A 205 -6.60 -25.69 2.81
N LEU A 206 -6.11 -26.24 1.69
CA LEU A 206 -4.65 -26.32 1.38
C LEU A 206 -4.16 -24.92 0.99
N VAL A 207 -3.04 -24.48 1.55
CA VAL A 207 -2.49 -23.11 1.35
C VAL A 207 -1.07 -23.22 0.81
N CYS A 208 -0.82 -22.60 -0.34
CA CYS A 208 0.52 -22.43 -0.95
C CYS A 208 0.96 -20.98 -0.72
N HIS A 209 1.93 -20.78 0.18
CA HIS A 209 2.51 -19.46 0.51
C HIS A 209 3.67 -19.16 -0.44
N VAL A 210 3.70 -17.95 -1.00
CA VAL A 210 4.80 -17.43 -1.86
C VAL A 210 5.21 -16.06 -1.33
N SER A 211 6.45 -15.92 -0.85
CA SER A 211 6.95 -14.71 -0.14
C SER A 211 8.35 -14.34 -0.63
N GLY A 212 8.60 -13.04 -0.81
CA GLY A 212 9.93 -12.48 -1.11
C GLY A 212 10.13 -12.25 -2.60
N PHE A 213 9.07 -12.26 -3.41
CA PHE A 213 9.17 -12.06 -4.88
C PHE A 213 9.04 -10.57 -5.22
N TYR A 214 9.83 -10.13 -6.20
CA TYR A 214 9.75 -8.83 -6.90
C TYR A 214 10.28 -9.02 -8.32
N PRO A 215 9.64 -8.50 -9.38
CA PRO A 215 8.48 -7.61 -9.28
C PRO A 215 7.17 -8.34 -8.94
N LYS A 216 6.04 -7.63 -8.99
CA LYS A 216 4.73 -8.08 -8.45
C LYS A 216 4.15 -9.22 -9.28
N PRO A 217 4.19 -9.19 -10.64
CA PRO A 217 3.55 -10.25 -11.44
C PRO A 217 4.03 -11.65 -11.04
N VAL A 218 3.09 -12.56 -10.78
CA VAL A 218 3.38 -13.96 -10.33
C VAL A 218 2.21 -14.86 -10.74
N TRP A 219 2.49 -16.16 -10.89
CA TRP A 219 1.52 -17.24 -11.24
C TRP A 219 1.70 -18.37 -10.23
N VAL A 220 0.63 -18.71 -9.50
CA VAL A 220 0.62 -19.74 -8.42
C VAL A 220 -0.64 -20.61 -8.62
N MET A 221 -0.46 -21.91 -8.83
CA MET A 221 -1.56 -22.84 -9.18
C MET A 221 -1.36 -24.18 -8.46
N TRP A 222 -2.42 -24.72 -7.88
CA TRP A 222 -2.47 -26.12 -7.42
C TRP A 222 -2.62 -27.04 -8.63
N MET A 223 -1.84 -28.12 -8.68
CA MET A 223 -1.69 -29.05 -9.82
C MET A 223 -1.88 -30.49 -9.33
N ARG A 224 -2.62 -31.30 -10.09
CA ARG A 224 -2.56 -32.78 -10.04
C ARG A 224 -1.90 -33.23 -11.33
N GLY A 225 -0.61 -33.57 -11.27
CA GLY A 225 0.24 -33.82 -12.45
C GLY A 225 0.29 -32.58 -13.34
N ASP A 226 -0.18 -32.69 -14.58
CA ASP A 226 -0.19 -31.59 -15.58
C ASP A 226 -1.56 -30.89 -15.60
N GLN A 227 -2.53 -31.39 -14.82
CA GLN A 227 -3.89 -30.82 -14.73
C GLN A 227 -3.90 -29.68 -13.70
N GLU A 228 -4.21 -28.46 -14.14
CA GLU A 228 -4.42 -27.29 -13.24
C GLU A 228 -5.70 -27.50 -12.44
N GLN A 229 -5.64 -27.35 -11.12
CA GLN A 229 -6.82 -27.34 -10.22
C GLN A 229 -7.39 -25.92 -10.25
N GLN A 230 -8.34 -25.67 -11.15
CA GLN A 230 -8.79 -24.32 -11.56
C GLN A 230 -9.64 -23.67 -10.46
N GLY A 231 -10.00 -24.43 -9.43
CA GLY A 231 -10.62 -23.92 -8.20
C GLY A 231 -9.63 -23.15 -7.34
N THR A 232 -8.33 -23.16 -7.68
CA THR A 232 -7.28 -22.40 -6.95
C THR A 232 -7.72 -20.94 -6.81
N HIS A 233 -7.86 -20.47 -5.58
CA HIS A 233 -8.23 -19.06 -5.26
C HIS A 233 -6.95 -18.27 -4.98
N ARG A 234 -6.64 -17.30 -5.85
CA ARG A 234 -5.49 -16.37 -5.68
C ARG A 234 -5.88 -15.32 -4.63
N GLY A 235 -5.14 -15.29 -3.52
CA GLY A 235 -5.31 -14.26 -2.47
C GLY A 235 -4.87 -12.89 -2.97
N ASP A 236 -5.03 -11.86 -2.16
CA ASP A 236 -4.55 -10.48 -2.46
C ASP A 236 -3.01 -10.46 -2.38
N PHE A 237 -2.40 -9.53 -3.10
CA PHE A 237 -0.94 -9.22 -3.03
C PHE A 237 -0.71 -8.41 -1.75
N LEU A 238 0.03 -8.98 -0.80
CA LEU A 238 0.30 -8.39 0.54
C LEU A 238 1.76 -7.97 0.60
N PRO A 239 2.08 -6.75 1.09
CA PRO A 239 3.46 -6.30 1.17
C PRO A 239 4.26 -6.95 2.31
N ASN A 240 5.51 -7.32 2.04
CA ASN A 240 6.55 -7.55 3.07
C ASN A 240 7.19 -6.19 3.38
N ALA A 241 7.95 -6.09 4.47
CA ALA A 241 8.58 -4.84 4.94
C ALA A 241 9.86 -4.53 4.15
N ASP A 242 10.38 -5.49 3.38
CA ASP A 242 11.68 -5.39 2.65
C ASP A 242 11.42 -5.16 1.15
N GLU A 243 10.30 -4.53 0.80
CA GLU A 243 9.94 -4.16 -0.60
C GLU A 243 9.94 -5.43 -1.47
N THR A 244 9.30 -6.49 -0.97
CA THR A 244 8.96 -7.72 -1.70
C THR A 244 7.48 -8.03 -1.45
N TRP A 245 6.92 -9.00 -2.18
CA TRP A 245 5.48 -9.33 -2.15
C TRP A 245 5.24 -10.71 -1.55
N TYR A 246 4.08 -10.85 -0.91
CA TYR A 246 3.55 -12.12 -0.34
C TYR A 246 2.21 -12.39 -1.01
N LEU A 247 1.93 -13.66 -1.33
CA LEU A 247 0.65 -14.13 -1.92
C LEU A 247 0.44 -15.58 -1.49
N GLN A 248 -0.79 -15.95 -1.12
CA GLN A 248 -1.17 -17.36 -0.90
C GLN A 248 -2.28 -17.75 -1.87
N ALA A 249 -2.13 -18.92 -2.49
CA ALA A 249 -3.11 -19.59 -3.35
C ALA A 249 -3.69 -20.78 -2.57
N THR A 250 -5.01 -20.84 -2.44
CA THR A 250 -5.73 -21.82 -1.59
C THR A 250 -6.58 -22.74 -2.47
N LEU A 251 -6.79 -23.97 -2.00
CA LEU A 251 -7.67 -24.99 -2.63
C LEU A 251 -8.31 -25.83 -1.51
N ASP A 252 -9.63 -25.74 -1.37
CA ASP A 252 -10.43 -26.58 -0.42
C ASP A 252 -10.56 -27.97 -1.02
N VAL A 253 -10.11 -29.01 -0.30
CA VAL A 253 -10.10 -30.43 -0.77
C VAL A 253 -10.72 -31.30 0.32
N GLU A 254 -11.37 -32.41 -0.08
CA GLU A 254 -11.88 -33.46 0.84
C GLU A 254 -10.70 -34.25 1.40
N ALA A 255 -10.80 -34.74 2.64
CA ALA A 255 -9.81 -35.61 3.30
C ALA A 255 -9.49 -36.79 2.36
N GLY A 256 -8.19 -37.03 2.12
CA GLY A 256 -7.70 -38.08 1.19
C GLY A 256 -7.30 -37.52 -0.17
N GLU A 257 -7.99 -36.47 -0.63
CA GLU A 257 -7.79 -35.81 -1.95
C GLU A 257 -6.44 -35.08 -1.99
N GLU A 258 -5.81 -34.82 -0.85
CA GLU A 258 -4.53 -34.06 -0.75
C GLU A 258 -3.42 -34.79 -1.52
N ALA A 259 -3.41 -36.14 -1.46
CA ALA A 259 -2.36 -37.01 -2.05
C ALA A 259 -2.23 -36.72 -3.54
N GLY A 260 -1.01 -36.37 -3.99
CA GLY A 260 -0.68 -36.16 -5.40
C GLY A 260 -0.81 -34.70 -5.84
N LEU A 261 -1.28 -33.81 -4.96
CA LEU A 261 -1.38 -32.35 -5.28
C LEU A 261 0.00 -31.72 -5.11
N ALA A 262 0.35 -30.81 -6.02
CA ALA A 262 1.55 -29.95 -5.96
C ALA A 262 1.13 -28.49 -6.12
N CYS A 263 1.88 -27.58 -5.53
CA CYS A 263 1.81 -26.13 -5.83
C CYS A 263 2.93 -25.81 -6.81
N ARG A 264 2.60 -25.11 -7.91
CA ARG A 264 3.56 -24.66 -8.94
C ARG A 264 3.59 -23.13 -8.96
N VAL A 265 4.78 -22.54 -8.83
CA VAL A 265 5.02 -21.07 -8.84
C VAL A 265 5.86 -20.72 -10.07
N LYS A 266 5.38 -19.77 -10.89
CA LYS A 266 6.15 -19.13 -12.00
C LYS A 266 6.40 -17.67 -11.63
N HIS A 267 7.62 -17.18 -11.86
CA HIS A 267 8.04 -15.78 -11.60
C HIS A 267 9.23 -15.42 -12.49
N SER A 268 9.34 -14.16 -12.90
CA SER A 268 10.38 -13.64 -13.81
C SER A 268 11.78 -13.97 -13.30
N SER A 269 11.99 -13.90 -11.98
CA SER A 269 13.30 -14.09 -11.29
C SER A 269 13.75 -15.55 -11.36
N LEU A 270 12.83 -16.49 -11.59
CA LEU A 270 13.15 -17.95 -11.68
C LEU A 270 13.64 -18.31 -13.09
N GLY A 271 13.44 -17.42 -14.06
CA GLY A 271 13.95 -17.55 -15.44
C GLY A 271 13.63 -18.91 -16.05
N GLY A 272 12.39 -19.39 -15.90
CA GLY A 272 11.92 -20.64 -16.53
C GLY A 272 11.91 -21.83 -15.58
N GLN A 273 12.66 -21.78 -14.47
CA GLN A 273 12.76 -22.91 -13.51
C GLN A 273 11.73 -22.71 -12.39
N ASP A 274 10.52 -23.24 -12.59
CA ASP A 274 9.35 -23.08 -11.67
C ASP A 274 9.65 -23.78 -10.33
N ILE A 275 9.16 -23.19 -9.23
CA ILE A 275 9.13 -23.85 -7.89
C ILE A 275 7.95 -24.81 -7.87
N ILE A 276 8.20 -26.09 -7.59
CA ILE A 276 7.16 -27.16 -7.48
C ILE A 276 7.29 -27.83 -6.12
N LEU A 277 6.35 -27.56 -5.20
CA LEU A 277 6.27 -28.22 -3.87
C LEU A 277 5.13 -29.24 -3.90
N TYR A 278 5.44 -30.51 -3.64
CA TYR A 278 4.46 -31.61 -3.52
C TYR A 278 3.97 -31.68 -2.07
N TRP A 279 2.65 -31.79 -1.87
CA TRP A 279 2.01 -31.99 -0.55
C TRP A 279 2.42 -33.36 -0.01
N HIS A 280 2.81 -33.41 1.28
CA HIS A 280 3.20 -34.64 2.02
C HIS A 280 4.48 -35.26 1.43
N HIS A 281 5.37 -34.43 0.88
CA HIS A 281 6.68 -34.84 0.30
C HIS A 281 7.38 -35.80 1.28
N HIS A 282 7.53 -35.36 2.55
CA HIS A 282 8.04 -36.17 3.68
C HIS A 282 6.85 -36.85 4.39
N HIS A 283 6.63 -38.13 4.11
CA HIS A 283 5.50 -38.95 4.63
C HIS A 283 6.04 -40.17 5.37
N ILE B 1 -17.71 5.66 12.19
CA ILE B 1 -16.76 6.08 11.12
C ILE B 1 -17.20 5.45 9.80
N GLN B 2 -16.43 5.67 8.72
CA GLN B 2 -16.84 5.40 7.32
C GLN B 2 -16.59 3.92 6.96
N LYS B 3 -15.36 3.42 7.08
CA LYS B 3 -14.96 2.08 6.54
C LYS B 3 -14.17 1.26 7.58
N THR B 4 -14.49 -0.03 7.68
CA THR B 4 -13.99 -1.01 8.69
C THR B 4 -12.67 -1.63 8.21
N PRO B 5 -11.62 -1.67 9.05
CA PRO B 5 -10.35 -2.30 8.66
C PRO B 5 -10.45 -3.83 8.50
N GLN B 6 -9.86 -4.35 7.42
CA GLN B 6 -9.55 -5.80 7.22
C GLN B 6 -8.13 -6.05 7.70
N ILE B 7 -7.87 -7.22 8.30
CA ILE B 7 -6.56 -7.56 8.94
C ILE B 7 -6.07 -8.89 8.38
N GLN B 8 -4.83 -8.90 7.85
CA GLN B 8 -4.13 -10.11 7.38
C GLN B 8 -2.82 -10.24 8.17
N VAL B 9 -2.56 -11.44 8.70
CA VAL B 9 -1.36 -11.76 9.52
C VAL B 9 -0.62 -12.92 8.83
N TYR B 10 0.66 -12.71 8.51
CA TYR B 10 1.49 -13.66 7.72
C TYR B 10 2.96 -13.48 8.09
N SER B 11 3.74 -14.55 7.92
CA SER B 11 5.21 -14.57 8.15
C SER B 11 5.94 -14.27 6.83
N ARG B 12 7.09 -13.61 6.92
CA ARG B 12 7.98 -13.27 5.77
C ARG B 12 8.60 -14.56 5.21
N HIS B 13 9.02 -15.47 6.09
CA HIS B 13 9.69 -16.75 5.76
C HIS B 13 8.83 -17.92 6.23
N PRO B 14 9.08 -19.16 5.74
CA PRO B 14 8.41 -20.35 6.27
C PRO B 14 8.64 -20.43 7.77
N PRO B 15 7.59 -20.59 8.61
CA PRO B 15 7.74 -20.51 10.05
C PRO B 15 8.27 -21.81 10.68
N GLU B 16 9.60 -21.96 10.67
CA GLU B 16 10.32 -23.06 11.36
C GLU B 16 10.55 -22.65 12.83
N ASN B 17 10.30 -23.57 13.76
CA ASN B 17 10.51 -23.36 15.21
C ASN B 17 12.01 -23.16 15.48
N GLY B 18 12.37 -22.09 16.21
CA GLY B 18 13.74 -21.78 16.62
C GLY B 18 14.51 -20.97 15.59
N LYS B 19 13.92 -20.70 14.42
CA LYS B 19 14.55 -19.90 13.32
C LYS B 19 13.98 -18.49 13.35
N PRO B 20 14.82 -17.43 13.40
CA PRO B 20 14.35 -16.05 13.34
C PRO B 20 13.49 -15.79 12.09
N ASN B 21 12.44 -15.00 12.24
CA ASN B 21 11.43 -14.72 11.17
C ASN B 21 10.89 -13.31 11.40
N ILE B 22 9.97 -12.86 10.55
CA ILE B 22 9.23 -11.57 10.71
C ILE B 22 7.73 -11.85 10.56
N LEU B 23 6.91 -11.36 11.49
CA LEU B 23 5.43 -11.48 11.44
C LEU B 23 4.87 -10.13 10.96
N ASN B 24 4.04 -10.18 9.91
CA ASN B 24 3.43 -9.00 9.27
C ASN B 24 1.96 -8.91 9.70
N CYS B 25 1.49 -7.70 9.98
CA CYS B 25 0.05 -7.37 10.18
C CYS B 25 -0.32 -6.25 9.19
N TYR B 26 -1.02 -6.62 8.13
CA TYR B 26 -1.39 -5.74 7.00
C TYR B 26 -2.87 -5.34 7.18
N VAL B 27 -3.10 -4.08 7.54
CA VAL B 27 -4.45 -3.50 7.82
C VAL B 27 -4.83 -2.60 6.64
N THR B 28 -5.99 -2.86 6.04
CA THR B 28 -6.46 -2.24 4.76
C THR B 28 -7.93 -1.82 4.89
N GLN B 29 -8.41 -1.06 3.89
CA GLN B 29 -9.85 -0.78 3.61
C GLN B 29 -10.48 0.00 4.77
N PHE B 30 -9.72 0.84 5.47
CA PHE B 30 -10.24 1.64 6.61
C PHE B 30 -10.23 3.14 6.29
N HIS B 31 -11.16 3.85 6.93
CA HIS B 31 -11.31 5.33 6.94
C HIS B 31 -12.18 5.69 8.14
N PRO B 32 -11.83 6.70 8.99
CA PRO B 32 -10.69 7.60 8.77
C PRO B 32 -9.33 6.98 9.09
N PRO B 33 -8.21 7.65 8.76
CA PRO B 33 -6.88 7.05 8.91
C PRO B 33 -6.38 6.84 10.35
N HIS B 34 -7.08 7.40 11.34
CA HIS B 34 -6.71 7.35 12.78
C HIS B 34 -6.99 5.95 13.33
N ILE B 35 -5.94 5.24 13.76
CA ILE B 35 -6.01 3.77 14.04
C ILE B 35 -4.92 3.42 15.06
N GLU B 36 -5.23 2.49 15.97
CA GLU B 36 -4.24 1.86 16.90
C GLU B 36 -4.09 0.40 16.51
N ILE B 37 -2.84 -0.03 16.26
CA ILE B 37 -2.49 -1.41 15.85
C ILE B 37 -1.55 -2.00 16.91
N GLN B 38 -1.94 -3.13 17.51
CA GLN B 38 -1.15 -3.89 18.50
C GLN B 38 -0.88 -5.29 17.94
N MET B 39 0.38 -5.74 17.97
CA MET B 39 0.72 -7.16 17.73
C MET B 39 0.86 -7.83 19.11
N LEU B 40 0.29 -9.03 19.26
CA LEU B 40 0.16 -9.75 20.56
C LEU B 40 0.93 -11.07 20.49
N LYS B 41 1.66 -11.39 21.55
CA LYS B 41 2.26 -12.71 21.81
C LYS B 41 1.63 -13.28 23.09
N ASN B 42 0.90 -14.38 22.96
CA ASN B 42 0.21 -15.07 24.10
C ASN B 42 -0.63 -14.03 24.87
N GLY B 43 -1.33 -13.15 24.15
CA GLY B 43 -2.29 -12.17 24.70
C GLY B 43 -1.64 -10.88 25.17
N LYS B 44 -0.30 -10.77 25.15
CA LYS B 44 0.44 -9.58 25.67
C LYS B 44 1.03 -8.77 24.52
N LYS B 45 0.94 -7.44 24.61
CA LYS B 45 1.43 -6.45 23.61
C LYS B 45 2.94 -6.68 23.39
N ILE B 46 3.35 -6.83 22.13
CA ILE B 46 4.79 -6.91 21.72
C ILE B 46 5.35 -5.49 21.65
N PRO B 47 6.45 -5.17 22.36
CA PRO B 47 6.96 -3.80 22.43
C PRO B 47 7.61 -3.28 21.14
N LYS B 48 8.43 -4.09 20.46
CA LYS B 48 9.20 -3.68 19.26
C LYS B 48 8.41 -4.02 18.00
N VAL B 49 7.48 -3.13 17.62
CA VAL B 49 6.67 -3.24 16.37
C VAL B 49 7.00 -2.04 15.47
N GLU B 50 7.61 -2.29 14.30
N GLU B 50 7.57 -2.30 14.29
CA GLU B 50 7.90 -1.27 13.27
CA GLU B 50 7.90 -1.27 13.28
C GLU B 50 6.64 -1.06 12.42
C GLU B 50 6.67 -1.07 12.38
N MET B 51 6.33 0.20 12.09
CA MET B 51 5.15 0.60 11.28
C MET B 51 5.62 1.24 9.97
N SER B 52 5.05 0.84 8.84
CA SER B 52 5.19 1.55 7.54
C SER B 52 4.50 2.91 7.65
N ASP B 53 4.83 3.83 6.74
CA ASP B 53 4.08 5.10 6.54
C ASP B 53 2.67 4.73 6.09
N MET B 54 1.65 5.43 6.59
CA MET B 54 0.26 5.20 6.13
C MET B 54 0.16 5.69 4.68
N SER B 55 -0.54 4.93 3.85
CA SER B 55 -0.82 5.23 2.42
C SER B 55 -2.31 4.97 2.16
N PHE B 56 -2.78 5.23 0.94
CA PHE B 56 -4.17 4.92 0.52
C PHE B 56 -4.15 4.46 -0.95
N SER B 57 -5.17 3.70 -1.34
N SER B 57 -5.15 3.69 -1.34
CA SER B 57 -5.31 3.05 -2.67
CA SER B 57 -5.27 3.05 -2.68
C SER B 57 -6.11 3.94 -3.61
C SER B 57 -6.13 3.93 -3.60
N LYS B 58 -6.39 3.46 -4.83
CA LYS B 58 -7.21 4.17 -5.85
C LYS B 58 -8.63 4.44 -5.31
N ASP B 59 -9.14 3.58 -4.42
CA ASP B 59 -10.51 3.69 -3.84
C ASP B 59 -10.50 4.65 -2.62
N TRP B 60 -9.34 5.19 -2.25
CA TRP B 60 -9.13 6.24 -1.21
C TRP B 60 -9.07 5.64 0.19
N SER B 61 -9.30 4.32 0.32
CA SER B 61 -9.20 3.59 1.61
C SER B 61 -7.73 3.52 2.03
N PHE B 62 -7.47 3.63 3.32
CA PHE B 62 -6.10 3.65 3.90
C PHE B 62 -5.60 2.21 4.09
N TYR B 63 -4.27 2.06 4.07
CA TYR B 63 -3.55 0.81 4.40
C TYR B 63 -2.21 1.13 5.04
N ILE B 64 -1.73 0.21 5.88
CA ILE B 64 -0.47 0.33 6.66
C ILE B 64 0.03 -1.08 7.00
N LEU B 65 1.34 -1.27 7.03
CA LEU B 65 2.00 -2.56 7.38
C LEU B 65 2.70 -2.40 8.73
N ALA B 66 2.29 -3.21 9.70
CA ALA B 66 3.01 -3.41 10.99
C ALA B 66 3.78 -4.72 10.90
N HIS B 67 5.03 -4.74 11.34
CA HIS B 67 5.88 -5.96 11.36
C HIS B 67 6.77 -5.96 12.60
N THR B 68 7.13 -7.16 13.06
CA THR B 68 7.99 -7.39 14.24
C THR B 68 8.87 -8.62 13.96
N GLU B 69 10.13 -8.56 14.40
CA GLU B 69 11.03 -9.75 14.43
C GLU B 69 10.48 -10.69 15.50
N PHE B 70 10.48 -12.00 15.23
CA PHE B 70 10.01 -13.04 16.18
C PHE B 70 10.60 -14.40 15.80
N THR B 71 10.82 -15.25 16.80
CA THR B 71 11.28 -16.65 16.66
C THR B 71 10.11 -17.57 16.99
N PRO B 72 9.48 -18.24 16.00
CA PRO B 72 8.36 -19.13 16.27
C PRO B 72 8.78 -20.26 17.22
N THR B 73 7.87 -20.68 18.09
CA THR B 73 7.96 -21.89 18.94
C THR B 73 6.71 -22.73 18.70
N GLU B 74 6.66 -23.94 19.28
CA GLU B 74 5.52 -24.88 19.15
C GLU B 74 4.24 -24.24 19.73
N THR B 75 4.34 -23.58 20.89
CA THR B 75 3.21 -23.26 21.79
C THR B 75 2.79 -21.78 21.74
N ASP B 76 3.72 -20.87 21.42
CA ASP B 76 3.42 -19.41 21.41
C ASP B 76 2.42 -19.11 20.28
N THR B 77 1.36 -18.35 20.60
CA THR B 77 0.33 -17.92 19.61
C THR B 77 0.40 -16.41 19.44
N TYR B 78 0.33 -15.94 18.19
CA TYR B 78 0.43 -14.51 17.82
C TYR B 78 -0.91 -14.05 17.24
N ALA B 79 -1.20 -12.77 17.41
CA ALA B 79 -2.42 -12.10 16.87
C ALA B 79 -2.11 -10.63 16.61
N CYS B 80 -2.97 -9.98 15.83
CA CYS B 80 -2.95 -8.53 15.58
C CYS B 80 -4.28 -7.93 16.04
N ARG B 81 -4.22 -6.91 16.89
CA ARG B 81 -5.42 -6.22 17.47
C ARG B 81 -5.46 -4.80 16.92
N VAL B 82 -6.61 -4.40 16.37
CA VAL B 82 -6.84 -3.07 15.74
C VAL B 82 -7.98 -2.36 16.50
N LYS B 83 -7.75 -1.12 16.94
CA LYS B 83 -8.78 -0.18 17.45
C LYS B 83 -9.01 0.92 16.40
N HIS B 84 -10.28 1.18 16.07
CA HIS B 84 -10.72 2.12 15.01
C HIS B 84 -12.14 2.60 15.31
N ALA B 85 -12.49 3.81 14.87
CA ALA B 85 -13.79 4.49 15.15
C ALA B 85 -14.95 3.74 14.48
N SER B 86 -14.68 2.97 13.43
CA SER B 86 -15.69 2.20 12.65
C SER B 86 -16.24 1.03 13.47
N MET B 87 -15.53 0.58 14.51
CA MET B 87 -15.89 -0.64 15.29
C MET B 87 -16.04 -0.29 16.77
N ALA B 88 -17.14 -0.76 17.39
CA ALA B 88 -17.42 -0.62 18.84
C ALA B 88 -16.33 -1.32 19.65
N GLU B 89 -15.94 -2.53 19.24
CA GLU B 89 -14.97 -3.40 19.97
C GLU B 89 -13.68 -3.52 19.16
N PRO B 90 -12.50 -3.63 19.80
CA PRO B 90 -11.27 -4.00 19.10
C PRO B 90 -11.45 -5.27 18.25
N LYS B 91 -10.79 -5.32 17.09
CA LYS B 91 -10.77 -6.49 16.17
C LYS B 91 -9.42 -7.19 16.30
N THR B 92 -9.43 -8.46 16.72
CA THR B 92 -8.23 -9.32 16.85
C THR B 92 -8.31 -10.41 15.78
N VAL B 93 -7.24 -10.55 14.99
CA VAL B 93 -7.05 -11.66 14.02
C VAL B 93 -5.79 -12.43 14.44
N TYR B 94 -5.92 -13.75 14.58
CA TYR B 94 -4.85 -14.67 15.03
C TYR B 94 -4.07 -15.18 13.81
N TRP B 95 -2.74 -15.19 13.91
CA TRP B 95 -1.84 -15.87 12.94
C TRP B 95 -2.27 -17.34 12.84
N ASP B 96 -2.57 -17.82 11.65
CA ASP B 96 -3.26 -19.10 11.40
C ASP B 96 -2.34 -20.27 11.13
N ARG B 97 -1.07 -20.20 11.50
CA ARG B 97 -0.08 -21.23 11.12
C ARG B 97 -0.51 -22.68 11.45
N ASP B 98 -0.95 -22.97 12.66
CA ASP B 98 -1.32 -24.39 12.93
C ASP B 98 -2.83 -24.53 13.18
N MET B 99 -3.60 -23.53 12.80
CA MET B 99 -5.08 -23.55 13.01
C MET B 99 -5.70 -24.63 12.12
#